data_5L97
#
_entry.id   5L97
#
_cell.length_a   81.807
_cell.length_b   96.716
_cell.length_c   57.640
_cell.angle_alpha   90.000
_cell.angle_beta   90.000
_cell.angle_gamma   90.000
#
_symmetry.space_group_name_H-M   'C 2 2 21'
#
loop_
_entity.id
_entity.type
_entity.pdbx_description
1 polymer 'Bromodomain adjacent to zinc finger domain protein 2B'
2 non-polymer 2-methyl-~{N}-[(2~{S})-2-methylsulfonylcyclopentyl]pyridin-3-amine
3 water water
#
_entity_poly.entity_id   1
_entity_poly.type   'polypeptide(L)'
_entity_poly.pdbx_seq_one_letter_code
;SMSVKKPKRDDSKDLALCSMILTEMETHEDAWPFLLPVNLKLVPGYKKVIKKPMDFSTIREKLSSGQYPNLETFALDVRL
VFDNCETFNEDDSDIGRAGHNMRKYFEKKWTDTFKV
;
_entity_poly.pdbx_strand_id   A
#
# COMPACT_ATOMS: atom_id res chain seq x y z
N SER A 1 6.23 -4.01 30.37
CA SER A 1 7.28 -4.98 30.63
C SER A 1 6.69 -6.30 31.16
N MET A 2 7.56 -7.18 31.65
CA MET A 2 7.16 -8.50 32.14
C MET A 2 6.03 -8.45 33.17
N SER A 3 4.89 -9.05 32.84
CA SER A 3 3.70 -9.05 33.69
C SER A 3 3.08 -7.66 33.87
N VAL A 4 3.47 -6.71 33.03
CA VAL A 4 2.88 -5.38 33.05
C VAL A 4 2.32 -5.11 31.66
N LYS A 5 1.04 -5.40 31.50
CA LYS A 5 0.40 -5.40 30.19
C LYS A 5 -0.27 -4.07 29.88
N LYS A 6 0.08 -3.49 28.74
CA LYS A 6 -0.58 -2.32 28.21
C LYS A 6 -1.90 -2.78 27.60
N PRO A 7 -2.99 -2.06 27.87
CA PRO A 7 -4.23 -2.39 27.17
C PRO A 7 -4.01 -2.18 25.69
N LYS A 8 -4.59 -3.03 24.85
CA LYS A 8 -4.41 -2.87 23.41
C LYS A 8 -5.70 -2.95 22.63
N ARG A 9 -5.73 -2.26 21.49
CA ARG A 9 -6.92 -2.19 20.65
C ARG A 9 -7.34 -3.58 20.16
N ASP A 10 -8.65 -3.74 19.97
CA ASP A 10 -9.21 -4.92 19.37
C ASP A 10 -8.77 -4.98 17.90
N ASP A 11 -8.00 -5.99 17.55
CA ASP A 11 -7.43 -6.09 16.21
C ASP A 11 -8.11 -7.17 15.36
N SER A 12 -9.19 -7.73 15.87
CA SER A 12 -9.85 -8.87 15.23
C SER A 12 -10.51 -8.53 13.90
N LYS A 13 -10.78 -7.25 13.66
CA LYS A 13 -11.42 -6.84 12.42
C LYS A 13 -10.41 -6.29 11.42
N ASP A 14 -9.16 -6.17 11.85
CA ASP A 14 -8.12 -5.53 11.02
C ASP A 14 -7.97 -6.12 9.62
N LEU A 15 -7.93 -7.45 9.55
CA LEU A 15 -7.75 -8.13 8.27
C LEU A 15 -8.87 -7.79 7.29
N ALA A 16 -10.10 -7.87 7.77
CA ALA A 16 -11.27 -7.51 6.97
C ALA A 16 -11.28 -6.03 6.55
N LEU A 17 -10.92 -5.15 7.48
CA LEU A 17 -10.84 -3.71 7.18
C LEU A 17 -9.74 -3.35 6.17
N CYS A 18 -8.58 -3.98 6.30
CA CYS A 18 -7.48 -3.77 5.35
C CYS A 18 -7.86 -4.27 3.97
N SER A 19 -8.57 -5.41 3.93
CA SER A 19 -9.04 -5.95 2.66
C SER A 19 -10.04 -4.99 2.00
N MET A 20 -10.89 -4.39 2.83
CA MET A 20 -11.88 -3.43 2.34
C MET A 20 -11.21 -2.19 1.76
N ILE A 21 -10.22 -1.67 2.48
CA ILE A 21 -9.47 -0.50 2.04
C ILE A 21 -8.74 -0.81 0.74
N LEU A 22 -8.14 -2.00 0.67
CA LEU A 22 -7.40 -2.38 -0.53
C LEU A 22 -8.33 -2.50 -1.72
N THR A 23 -9.54 -3.04 -1.50
CA THR A 23 -10.53 -3.14 -2.57
C THR A 23 -10.88 -1.76 -3.14
N GLU A 24 -11.07 -0.80 -2.25
CA GLU A 24 -11.36 0.56 -2.66
C GLU A 24 -10.18 1.16 -3.44
N MET A 25 -8.95 0.82 -3.04
CA MET A 25 -7.77 1.25 -3.78
C MET A 25 -7.82 0.68 -5.19
N GLU A 26 -8.06 -0.62 -5.27
CA GLU A 26 -8.03 -1.35 -6.53
C GLU A 26 -9.07 -0.85 -7.53
N THR A 27 -10.19 -0.32 -7.02
CA THR A 27 -11.30 0.09 -7.88
C THR A 27 -11.29 1.60 -8.19
N HIS A 28 -10.37 2.33 -7.56
CA HIS A 28 -10.18 3.75 -7.84
C HIS A 28 -9.74 3.92 -9.28
N GLU A 29 -10.24 4.94 -9.96
CA GLU A 29 -9.95 5.06 -11.39
C GLU A 29 -8.47 5.32 -11.68
N ASP A 30 -7.76 5.88 -10.72
CA ASP A 30 -6.33 6.16 -10.92
C ASP A 30 -5.46 5.04 -10.36
N ALA A 31 -6.04 3.85 -10.17
CA ALA A 31 -5.29 2.72 -9.61
C ALA A 31 -4.43 2.01 -10.67
N TRP A 32 -4.75 2.27 -11.94
CA TRP A 32 -4.14 1.54 -13.05
C TRP A 32 -2.60 1.39 -13.07
N PRO A 33 -1.84 2.42 -12.62
CA PRO A 33 -0.41 2.16 -12.71
C PRO A 33 0.08 1.16 -11.67
N PHE A 34 -0.75 0.87 -10.65
CA PHE A 34 -0.30 0.13 -9.47
C PHE A 34 -0.94 -1.23 -9.28
N LEU A 35 -1.72 -1.68 -10.27
CA LEU A 35 -2.52 -2.90 -10.10
C LEU A 35 -1.65 -4.13 -10.20
N LEU A 36 -0.59 -4.04 -11.01
CA LEU A 36 0.29 -5.17 -11.30
C LEU A 36 1.73 -4.79 -11.01
N PRO A 37 2.65 -5.76 -10.95
CA PRO A 37 4.06 -5.42 -10.74
C PRO A 37 4.59 -4.68 -11.96
N VAL A 38 5.49 -3.72 -11.77
CA VAL A 38 6.18 -3.10 -12.89
C VAL A 38 7.00 -4.18 -13.58
N ASN A 39 6.95 -4.22 -14.91
CA ASN A 39 7.66 -5.24 -15.67
C ASN A 39 9.14 -4.91 -15.70
N LEU A 40 9.91 -5.64 -14.88
CA LEU A 40 11.33 -5.34 -14.74
C LEU A 40 12.14 -5.54 -16.01
N LYS A 41 11.57 -6.27 -16.97
CA LYS A 41 12.29 -6.57 -18.20
C LYS A 41 11.92 -5.61 -19.33
N LEU A 42 10.92 -4.78 -19.09
CA LEU A 42 10.42 -3.85 -20.10
C LEU A 42 10.67 -2.39 -19.73
N VAL A 43 10.89 -2.12 -18.45
CA VAL A 43 11.08 -0.74 -18.00
C VAL A 43 12.52 -0.52 -17.58
N PRO A 44 13.30 0.13 -18.47
CA PRO A 44 14.72 0.40 -18.19
C PRO A 44 14.87 1.13 -16.86
N GLY A 45 15.93 0.81 -16.13
CA GLY A 45 16.23 1.50 -14.89
C GLY A 45 15.52 0.98 -13.65
N TYR A 46 14.32 0.42 -13.83
CA TYR A 46 13.47 0.12 -12.67
C TYR A 46 14.10 -0.86 -11.68
N LYS A 47 14.63 -1.97 -12.20
CA LYS A 47 15.17 -3.02 -11.33
C LYS A 47 16.32 -2.49 -10.48
N LYS A 48 17.19 -1.69 -11.10
CA LYS A 48 18.38 -1.17 -10.43
C LYS A 48 18.08 -0.06 -9.43
N VAL A 49 17.14 0.80 -9.79
CA VAL A 49 16.82 1.99 -8.99
C VAL A 49 15.89 1.68 -7.82
N ILE A 50 14.86 0.85 -8.05
CA ILE A 50 13.83 0.61 -7.04
C ILE A 50 14.13 -0.69 -6.31
N LYS A 51 14.69 -0.58 -5.12
CA LYS A 51 15.18 -1.76 -4.40
C LYS A 51 14.06 -2.71 -3.92
N LYS A 52 12.86 -2.19 -3.67
CA LYS A 52 11.74 -2.99 -3.20
C LYS A 52 10.47 -2.65 -3.96
N PRO A 53 10.28 -3.27 -5.14
CA PRO A 53 9.05 -3.03 -5.91
C PRO A 53 7.84 -3.53 -5.13
N MET A 54 6.71 -2.86 -5.27
CA MET A 54 5.48 -3.29 -4.62
C MET A 54 4.32 -2.78 -5.47
N ASP A 55 3.21 -3.52 -5.44
CA ASP A 55 2.01 -3.14 -6.18
C ASP A 55 0.80 -3.72 -5.48
N PHE A 56 -0.40 -3.31 -5.89
CA PHE A 56 -1.61 -3.76 -5.20
C PHE A 56 -1.82 -5.28 -5.27
N SER A 57 -1.52 -5.88 -6.42
CA SER A 57 -1.80 -7.31 -6.55
C SER A 57 -0.90 -8.13 -5.61
N THR A 58 0.34 -7.67 -5.42
CA THR A 58 1.26 -8.31 -4.49
C THR A 58 0.79 -8.12 -3.04
N ILE A 59 0.34 -6.91 -2.73
CA ILE A 59 -0.23 -6.64 -1.42
C ILE A 59 -1.45 -7.51 -1.17
N ARG A 60 -2.28 -7.68 -2.21
CA ARG A 60 -3.48 -8.49 -2.09
C ARG A 60 -3.12 -9.97 -1.86
N GLU A 61 -2.06 -10.45 -2.52
CA GLU A 61 -1.62 -11.84 -2.30
C GLU A 61 -1.08 -12.05 -0.89
N LYS A 62 -0.20 -11.15 -0.45
CA LYS A 62 0.30 -11.17 0.92
C LYS A 62 -0.82 -11.07 1.98
N LEU A 63 -1.81 -10.21 1.75
CA LEU A 63 -2.91 -10.07 2.70
C LEU A 63 -3.73 -11.37 2.78
N SER A 64 -3.96 -11.98 1.62
CA SER A 64 -4.77 -13.19 1.51
C SER A 64 -4.06 -14.45 2.01
N SER A 65 -2.76 -14.35 2.29
CA SER A 65 -1.98 -15.52 2.70
C SER A 65 -1.28 -15.33 4.04
N GLY A 66 -1.74 -14.37 4.84
CA GLY A 66 -1.24 -14.21 6.20
C GLY A 66 0.20 -13.73 6.26
N GLN A 67 0.58 -12.89 5.32
CA GLN A 67 1.95 -12.40 5.26
C GLN A 67 2.13 -11.00 5.89
N TYR A 68 1.03 -10.41 6.36
CA TYR A 68 1.14 -9.21 7.19
C TYR A 68 0.89 -9.58 8.64
N PRO A 69 1.89 -9.35 9.50
CA PRO A 69 1.75 -9.65 10.92
C PRO A 69 0.78 -8.69 11.62
N ASN A 70 0.64 -7.48 11.09
CA ASN A 70 -0.22 -6.48 11.71
C ASN A 70 -0.57 -5.39 10.71
N LEU A 71 -1.47 -4.49 11.11
CA LEU A 71 -1.91 -3.48 10.16
C LEU A 71 -0.81 -2.48 9.75
N GLU A 72 0.19 -2.27 10.61
CA GLU A 72 1.29 -1.35 10.26
C GLU A 72 2.11 -1.88 9.10
N THR A 73 2.38 -3.19 9.08
CA THR A 73 3.17 -3.75 7.99
C THR A 73 2.41 -3.64 6.67
N PHE A 74 1.09 -3.78 6.73
CA PHE A 74 0.25 -3.59 5.55
C PHE A 74 0.39 -2.13 5.04
N ALA A 75 0.31 -1.16 5.95
CA ALA A 75 0.43 0.25 5.57
C ALA A 75 1.81 0.62 4.99
N LEU A 76 2.87 0.02 5.55
CA LEU A 76 4.21 0.19 5.00
C LEU A 76 4.28 -0.22 3.53
N ASP A 77 3.68 -1.36 3.18
CA ASP A 77 3.67 -1.82 1.80
C ASP A 77 2.85 -0.90 0.89
N VAL A 78 1.70 -0.43 1.37
CA VAL A 78 0.90 0.48 0.55
C VAL A 78 1.69 1.76 0.27
N ARG A 79 2.36 2.28 1.31
CA ARG A 79 3.12 3.51 1.16
C ARG A 79 4.33 3.29 0.26
N LEU A 80 4.95 2.12 0.37
CA LEU A 80 6.06 1.74 -0.51
C LEU A 80 5.68 1.88 -1.99
N VAL A 81 4.45 1.48 -2.33
CA VAL A 81 3.96 1.66 -3.69
C VAL A 81 4.08 3.12 -4.15
N PHE A 82 3.68 4.05 -3.29
CA PHE A 82 3.66 5.47 -3.68
C PHE A 82 5.03 6.13 -3.55
N ASP A 83 5.84 5.63 -2.63
CA ASP A 83 7.22 6.10 -2.49
C ASP A 83 8.03 5.70 -3.72
N ASN A 84 7.85 4.47 -4.18
CA ASN A 84 8.49 4.02 -5.42
C ASN A 84 8.05 4.87 -6.60
N CYS A 85 6.75 5.14 -6.66
CA CYS A 85 6.19 5.92 -7.75
C CYS A 85 6.84 7.30 -7.80
N GLU A 86 7.01 7.92 -6.64
CA GLU A 86 7.63 9.26 -6.58
C GLU A 86 9.10 9.22 -6.99
N THR A 87 9.78 8.15 -6.62
CA THR A 87 11.19 7.99 -6.96
C THR A 87 11.39 7.96 -8.47
N PHE A 88 10.52 7.23 -9.17
CA PHE A 88 10.72 6.92 -10.58
C PHE A 88 9.99 7.88 -11.53
N ASN A 89 8.92 8.50 -11.05
CA ASN A 89 8.06 9.31 -11.92
C ASN A 89 8.03 10.80 -11.57
N GLU A 90 8.01 11.65 -12.60
CA GLU A 90 7.86 13.09 -12.42
C GLU A 90 6.48 13.39 -11.82
N ASP A 91 6.40 14.40 -10.95
CA ASP A 91 5.12 14.80 -10.37
C ASP A 91 4.15 15.22 -11.48
N ASP A 92 4.66 15.97 -12.44
CA ASP A 92 3.88 16.44 -13.58
C ASP A 92 3.87 15.39 -14.68
N SER A 93 3.39 14.20 -14.34
CA SER A 93 3.20 13.11 -15.30
C SER A 93 1.90 12.41 -14.90
N ASP A 94 1.30 11.66 -15.81
CA ASP A 94 0.06 10.96 -15.47
C ASP A 94 0.24 9.98 -14.32
N ILE A 95 1.29 9.15 -14.40
CA ILE A 95 1.57 8.19 -13.35
C ILE A 95 1.93 8.90 -12.04
N GLY A 96 2.77 9.91 -12.13
CA GLY A 96 3.17 10.68 -10.97
C GLY A 96 2.00 11.30 -10.23
N ARG A 97 1.10 11.95 -10.97
CA ARG A 97 -0.09 12.50 -10.34
C ARG A 97 -1.01 11.41 -9.76
N ALA A 98 -1.09 10.28 -10.47
CA ALA A 98 -1.88 9.14 -10.00
C ALA A 98 -1.44 8.72 -8.62
N GLY A 99 -0.13 8.66 -8.43
CA GLY A 99 0.43 8.24 -7.16
C GLY A 99 0.09 9.20 -6.03
N HIS A 100 0.24 10.50 -6.28
CA HIS A 100 -0.08 11.50 -5.27
C HIS A 100 -1.55 11.42 -4.87
N ASN A 101 -2.42 11.32 -5.88
CA ASN A 101 -3.83 11.09 -5.67
C ASN A 101 -4.13 9.83 -4.84
N MET A 102 -3.53 8.70 -5.21
CA MET A 102 -3.78 7.44 -4.51
C MET A 102 -3.26 7.45 -3.07
N ARG A 103 -2.12 8.11 -2.84
CA ARG A 103 -1.59 8.22 -1.49
C ARG A 103 -2.57 9.00 -0.62
N LYS A 104 -3.05 10.13 -1.13
CA LYS A 104 -3.97 10.95 -0.35
C LYS A 104 -5.23 10.15 -0.04
N TYR A 105 -5.76 9.48 -1.06
CA TYR A 105 -6.94 8.65 -0.92
C TYR A 105 -6.75 7.57 0.16
N PHE A 106 -5.61 6.89 0.13
CA PHE A 106 -5.30 5.87 1.13
C PHE A 106 -5.21 6.45 2.53
N GLU A 107 -4.48 7.54 2.68
CA GLU A 107 -4.20 8.05 4.02
C GLU A 107 -5.47 8.49 4.74
N LYS A 108 -6.47 8.97 4.00
CA LYS A 108 -7.73 9.39 4.62
C LYS A 108 -8.54 8.17 5.08
N LYS A 109 -8.63 7.18 4.21
CA LYS A 109 -9.31 5.93 4.58
C LYS A 109 -8.63 5.29 5.76
N TRP A 110 -7.30 5.41 5.82
CA TRP A 110 -6.54 4.84 6.92
C TRP A 110 -6.87 5.52 8.25
N THR A 111 -6.92 6.84 8.24
CA THR A 111 -7.31 7.61 9.43
C THR A 111 -8.78 7.40 9.78
N ASP A 112 -9.63 7.42 8.76
CA ASP A 112 -11.06 7.26 8.97
C ASP A 112 -11.43 5.86 9.49
N THR A 113 -10.67 4.85 9.07
CA THR A 113 -10.97 3.47 9.45
C THR A 113 -10.42 3.12 10.84
N PHE A 114 -9.23 3.61 11.15
CA PHE A 114 -8.52 3.12 12.35
C PHE A 114 -8.29 4.13 13.46
N LYS A 115 -7.95 5.36 13.09
CA LYS A 115 -7.69 6.39 14.09
C LYS A 115 -9.01 6.89 14.70
N VAL A 116 -9.42 6.23 15.79
CA VAL A 116 -10.74 6.40 16.40
C VAL A 116 -11.87 6.42 15.37
#